data_6YBJ
#
_entry.id   6YBJ
#
_cell.length_a   99.930
_cell.length_b   136.710
_cell.length_c   38.340
_cell.angle_alpha   90.000
_cell.angle_beta   90.000
_cell.angle_gamma   90.000
#
_symmetry.space_group_name_H-M   'P 21 21 2'
#
loop_
_entity.id
_entity.type
_entity.pdbx_description
1 polymer 'Maltose/maltodextrin-binding periplasmic protein,Induced myeloid leukemia cell differentiation protein Mcl-1'
2 branched alpha-D-glucopyranose-(1-4)-alpha-D-glucopyranose
3 non-polymer 'CHLORIDE ION'
4 non-polymer '(2~{R})-2-[5-[3-chloranyl-2-methyl-4-[2-(4-methylpiperazin-1-yl)ethoxy]phenyl]-6-(5-fluoranylfuran-2-yl)thieno[2,3-d]pyrimidin-4-yl]oxy-3-[2-[(2-methylpyrazol-3-yl)methoxy]phenyl]propanoic acid'
5 water water
#
_entity_poly.entity_id   1
_entity_poly.type   'polypeptide(L)'
_entity_poly.pdbx_seq_one_letter_code
;MKIEEGKLVIWINGDKGYNGLAEVGKKFEKDTGIKVTVEHPDKLEEKFPQVAATGDGPDIIFWAHDRFGGYAQSGLLAEI
TPDKAFQDKLYPFTWDAVRYNGKLIAYPIAVEALSLIYNKDLLPNPPKTWEEIPALDKELKAKGKSALMFNLQEPYFTWP
LIAADGGYAFKYAAGKYDIKDVGVDNAGAKAGLTFLVDLIKNKHMNADTDYSIAEAAFNKGETAMTINGPWAWSNIDTSA
VNYGVTVLPTFKGQPSKPFVGVLSAGINAASPNKELAKEFLENYLLTDEGLEAVNKDKPLGAVALKSYEEELAKDPRIAA
TMENAQKGEIMPNIPQMSAFWYAVRTAVINAASGRQTVDEALKDAQTGSELYRQSLEIISRYLREQATGAADTAPMGASG
ATSRKALETLRRVGDGVQRNHETAFQGMLRKLDIKNEDDVKSLSRVMIHVFSDGVTNWGRIVTLISFGAFVAKHLKTINQ
ESCIEPLAESITDVLVRTKRDWLVKQRGWDGFVEFFHV
;
_entity_poly.pdbx_strand_id   A
#
loop_
_chem_comp.id
_chem_comp.type
_chem_comp.name
_chem_comp.formula
CL non-polymer 'CHLORIDE ION' 'Cl -1'
GLC D-saccharide, alpha linking alpha-D-glucopyranose 'C6 H12 O6'
OJW non-polymer '(2~{R})-2-[5-[3-chloranyl-2-methyl-4-[2-(4-methylpiperazin-1-yl)ethoxy]phenyl]-6-(5-fluoranylfuran-2-yl)thieno[2,3-d]pyrimidin-4-yl]oxy-3-[2-[(2-methylpyrazol-3-yl)methoxy]phenyl]propanoic acid' 'C38 H38 Cl F N6 O6 S'
#
# COMPACT_ATOMS: atom_id res chain seq x y z
N LYS A 2 27.54 0.35 -0.79
CA LYS A 2 26.90 1.48 -0.02
C LYS A 2 26.62 1.03 1.41
N ILE A 3 25.87 -0.05 1.56
CA ILE A 3 25.53 -0.68 2.87
C ILE A 3 26.83 -1.26 3.47
N GLU A 4 27.15 -0.92 4.71
CA GLU A 4 28.36 -1.42 5.40
C GLU A 4 28.17 -2.90 5.67
N GLU A 5 29.26 -3.65 5.62
CA GLU A 5 29.28 -5.12 5.82
C GLU A 5 29.63 -5.37 7.30
N GLY A 6 29.43 -6.61 7.79
CA GLY A 6 29.69 -6.99 9.19
C GLY A 6 28.77 -6.31 10.20
N LYS A 7 27.56 -5.93 9.78
CA LYS A 7 26.59 -5.13 10.57
C LYS A 7 25.18 -5.52 10.14
N LEU A 8 24.15 -5.20 10.94
CA LEU A 8 22.72 -5.24 10.53
C LEU A 8 22.05 -3.94 10.97
N VAL A 9 21.50 -3.22 9.99
CA VAL A 9 20.63 -2.03 10.20
C VAL A 9 19.19 -2.46 9.88
N ILE A 10 18.30 -2.28 10.82
CA ILE A 10 16.87 -2.70 10.72
C ILE A 10 15.97 -1.46 10.77
N TRP A 11 15.03 -1.32 9.83
CA TRP A 11 13.94 -0.32 9.93
C TRP A 11 12.65 -1.02 10.41
N ILE A 12 11.98 -0.44 11.40
CA ILE A 12 10.63 -0.85 11.87
C ILE A 12 9.86 0.44 12.20
N ASN A 13 8.53 0.41 12.08
CA ASN A 13 7.66 1.59 12.30
C ASN A 13 7.59 1.92 13.81
N GLY A 14 7.36 3.20 14.12
CA GLY A 14 7.59 3.76 15.47
C GLY A 14 6.47 3.42 16.44
N ASP A 15 5.39 2.84 15.94
CA ASP A 15 4.27 2.34 16.77
C ASP A 15 4.55 0.89 17.20
N LYS A 16 5.64 0.26 16.72
CA LYS A 16 5.98 -1.15 17.07
C LYS A 16 6.97 -1.18 18.21
N GLY A 17 7.21 -2.38 18.73
CA GLY A 17 8.11 -2.62 19.88
C GLY A 17 9.56 -2.60 19.45
N TYR A 18 10.08 -1.43 19.04
CA TYR A 18 11.48 -1.35 18.56
C TYR A 18 12.49 -1.52 19.69
N ASN A 19 12.17 -1.14 20.92
CA ASN A 19 13.08 -1.41 22.07
C ASN A 19 13.20 -2.92 22.25
N GLY A 20 12.08 -3.64 22.18
CA GLY A 20 12.06 -5.11 22.26
C GLY A 20 12.88 -5.74 21.14
N LEU A 21 12.75 -5.25 19.91
CA LEU A 21 13.49 -5.82 18.76
C LEU A 21 14.99 -5.59 18.97
N ALA A 22 15.37 -4.44 19.56
CA ALA A 22 16.78 -4.09 19.88
C ALA A 22 17.32 -5.06 20.95
N GLU A 23 16.50 -5.50 21.89
CA GLU A 23 16.90 -6.53 22.90
C GLU A 23 17.20 -7.85 22.17
N VAL A 24 16.50 -8.15 21.10
CA VAL A 24 16.79 -9.38 20.29
C VAL A 24 18.09 -9.09 19.53
N GLY A 25 18.25 -7.84 19.11
CA GLY A 25 19.49 -7.34 18.48
C GLY A 25 20.68 -7.60 19.37
N LYS A 26 20.58 -7.23 20.64
CA LYS A 26 21.67 -7.34 21.63
C LYS A 26 22.04 -8.82 21.80
N LYS A 27 21.09 -9.74 21.78
CA LYS A 27 21.34 -11.17 22.05
C LYS A 27 22.02 -11.79 20.82
N PHE A 28 21.83 -11.19 19.65
CA PHE A 28 22.47 -11.67 18.40
C PHE A 28 23.94 -11.23 18.42
N GLU A 29 24.20 -10.02 18.90
CA GLU A 29 25.57 -9.43 19.09
C GLU A 29 26.35 -10.33 20.07
N LYS A 30 25.71 -10.70 21.18
CA LYS A 30 26.21 -11.65 22.21
C LYS A 30 26.88 -12.82 21.48
N ASP A 31 26.11 -13.58 20.72
CA ASP A 31 26.55 -14.85 20.09
C ASP A 31 27.61 -14.59 19.01
N THR A 32 27.55 -13.47 18.27
CA THR A 32 28.16 -13.32 16.91
C THR A 32 29.14 -12.15 16.86
N GLY A 33 29.03 -11.16 17.74
CA GLY A 33 29.90 -9.96 17.76
C GLY A 33 29.60 -8.99 16.63
N ILE A 34 28.50 -9.24 15.89
CA ILE A 34 27.88 -8.31 14.92
C ILE A 34 26.96 -7.34 15.67
N LYS A 35 27.21 -6.03 15.58
CA LYS A 35 26.31 -5.02 16.18
C LYS A 35 25.01 -4.97 15.35
N VAL A 36 23.86 -4.76 15.99
CA VAL A 36 22.53 -4.62 15.34
C VAL A 36 21.89 -3.27 15.67
N THR A 37 21.75 -2.40 14.67
CA THR A 37 21.09 -1.09 14.87
C THR A 37 19.63 -1.16 14.40
N VAL A 38 18.70 -0.97 15.34
CA VAL A 38 17.25 -0.79 15.04
C VAL A 38 16.98 0.72 14.95
N GLU A 39 16.35 1.18 13.86
CA GLU A 39 15.92 2.59 13.65
C GLU A 39 14.41 2.57 13.34
N HIS A 40 13.71 3.66 13.60
CA HIS A 40 12.28 3.83 13.26
C HIS A 40 12.04 5.19 12.61
N PRO A 41 12.64 5.44 11.44
CA PRO A 41 12.40 6.67 10.69
C PRO A 41 10.92 6.95 10.42
N ASP A 42 10.59 8.23 10.36
CA ASP A 42 9.28 8.68 9.83
C ASP A 42 9.20 8.26 8.36
N LYS A 43 8.03 7.82 7.90
CA LYS A 43 7.71 7.53 6.48
C LYS A 43 8.70 6.51 5.90
N LEU A 44 9.05 5.45 6.65
CA LEU A 44 10.09 4.47 6.22
C LEU A 44 9.56 3.61 5.07
N GLU A 45 8.23 3.51 4.93
CA GLU A 45 7.54 2.76 3.84
C GLU A 45 7.71 3.53 2.54
N GLU A 46 7.82 4.87 2.62
CA GLU A 46 8.12 5.78 1.48
C GLU A 46 9.64 5.86 1.26
N LYS A 47 10.45 5.98 2.33
CA LYS A 47 11.92 6.19 2.22
C LYS A 47 12.58 4.88 1.73
N PHE A 48 12.12 3.70 2.19
CA PHE A 48 12.75 2.40 1.84
C PHE A 48 12.92 2.27 0.32
N PRO A 49 11.84 2.28 -0.50
CA PRO A 49 12.00 2.18 -1.95
C PRO A 49 12.92 3.22 -2.60
N GLN A 50 12.83 4.50 -2.21
CA GLN A 50 13.71 5.59 -2.74
C GLN A 50 15.17 5.19 -2.50
N VAL A 51 15.58 4.88 -1.27
CA VAL A 51 17.03 4.66 -0.92
C VAL A 51 17.50 3.30 -1.42
N ALA A 52 16.68 2.25 -1.31
CA ALA A 52 17.06 0.87 -1.72
C ALA A 52 17.36 0.85 -3.22
N ALA A 53 16.69 1.70 -4.00
CA ALA A 53 16.81 1.78 -5.49
C ALA A 53 18.22 2.21 -5.88
N THR A 54 18.99 2.81 -4.96
CA THR A 54 20.38 3.29 -5.17
C THR A 54 21.35 2.36 -4.43
N GLY A 55 20.89 1.17 -4.03
CA GLY A 55 21.73 0.18 -3.32
C GLY A 55 21.97 0.54 -1.86
N ASP A 56 21.18 1.46 -1.30
CA ASP A 56 21.29 2.00 0.10
C ASP A 56 20.15 1.47 0.99
N GLY A 57 19.95 2.10 2.14
CA GLY A 57 18.89 1.78 3.12
C GLY A 57 19.32 0.70 4.11
N PRO A 58 18.36 0.12 4.88
CA PRO A 58 18.69 -0.89 5.87
C PRO A 58 18.85 -2.29 5.26
N ASP A 59 19.46 -3.20 6.01
CA ASP A 59 19.53 -4.64 5.67
C ASP A 59 18.11 -5.24 5.71
N ILE A 60 17.38 -4.97 6.77
CA ILE A 60 16.04 -5.55 7.03
C ILE A 60 15.07 -4.39 7.12
N ILE A 61 13.95 -4.47 6.40
CA ILE A 61 12.79 -3.56 6.63
C ILE A 61 11.61 -4.39 7.11
N PHE A 62 10.93 -3.85 8.12
CA PHE A 62 9.66 -4.32 8.71
C PHE A 62 8.57 -3.39 8.21
N TRP A 63 7.53 -3.98 7.62
CA TRP A 63 6.25 -3.30 7.31
C TRP A 63 5.16 -4.37 7.19
N ALA A 64 3.89 -3.97 7.20
CA ALA A 64 2.78 -4.84 6.77
C ALA A 64 3.12 -5.37 5.37
N HIS A 65 2.72 -6.61 5.07
CA HIS A 65 3.02 -7.30 3.79
C HIS A 65 2.48 -6.53 2.58
N ASP A 66 1.53 -5.62 2.75
CA ASP A 66 0.86 -5.01 1.55
C ASP A 66 1.86 -4.24 0.68
N ARG A 67 2.97 -3.74 1.23
CA ARG A 67 3.90 -2.89 0.44
C ARG A 67 4.93 -3.73 -0.32
N PHE A 68 5.12 -4.99 0.07
CA PHE A 68 6.35 -5.75 -0.24
C PHE A 68 6.40 -6.14 -1.73
N GLY A 69 5.24 -6.38 -2.34
CA GLY A 69 5.15 -6.65 -3.80
C GLY A 69 5.67 -5.50 -4.63
N GLY A 70 5.27 -4.26 -4.31
CA GLY A 70 5.87 -3.06 -4.90
C GLY A 70 7.38 -3.10 -4.83
N TYR A 71 7.93 -3.35 -3.65
CA TYR A 71 9.41 -3.44 -3.39
C TYR A 71 10.01 -4.54 -4.25
N ALA A 72 9.32 -5.68 -4.38
CA ALA A 72 9.81 -6.90 -5.08
C ALA A 72 9.83 -6.62 -6.58
N GLN A 73 8.77 -5.99 -7.10
CA GLN A 73 8.63 -5.62 -8.54
C GLN A 73 9.83 -4.77 -8.96
N SER A 74 10.30 -3.88 -8.06
CA SER A 74 11.40 -2.92 -8.33
C SER A 74 12.76 -3.58 -8.02
N GLY A 75 12.77 -4.87 -7.71
CA GLY A 75 13.99 -5.65 -7.43
C GLY A 75 14.72 -5.18 -6.20
N LEU A 76 14.02 -4.79 -5.14
CA LEU A 76 14.62 -4.21 -3.91
C LEU A 76 14.70 -5.24 -2.79
N LEU A 77 14.18 -6.46 -2.98
CA LEU A 77 14.23 -7.53 -1.94
C LEU A 77 14.87 -8.82 -2.49
N ALA A 78 15.86 -9.34 -1.75
CA ALA A 78 16.36 -10.73 -1.86
C ALA A 78 15.21 -11.72 -1.72
N GLU A 79 15.23 -12.76 -2.55
CA GLU A 79 14.36 -13.95 -2.38
C GLU A 79 14.75 -14.55 -1.04
N ILE A 80 13.80 -14.86 -0.17
CA ILE A 80 14.11 -15.63 1.06
C ILE A 80 13.77 -17.11 0.77
N THR A 81 14.63 -18.01 1.27
CA THR A 81 14.70 -19.45 0.95
C THR A 81 14.84 -20.24 2.26
N PRO A 82 13.83 -20.26 3.13
CA PRO A 82 13.90 -21.05 4.34
C PRO A 82 13.74 -22.52 3.94
N ASP A 83 14.25 -23.45 4.75
CA ASP A 83 13.98 -24.90 4.56
C ASP A 83 12.54 -25.21 5.01
N LYS A 84 12.06 -26.41 4.68
CA LYS A 84 10.72 -26.94 5.06
C LYS A 84 10.59 -26.85 6.59
N ALA A 85 11.63 -27.27 7.30
CA ALA A 85 11.65 -27.39 8.77
C ALA A 85 11.23 -26.06 9.39
N PHE A 86 11.77 -24.95 8.86
CA PHE A 86 11.52 -23.57 9.35
C PHE A 86 10.16 -23.07 8.84
N GLN A 87 9.88 -23.24 7.55
CA GLN A 87 8.54 -22.93 6.96
C GLN A 87 7.42 -23.50 7.84
N ASP A 88 7.52 -24.77 8.26
CA ASP A 88 6.48 -25.47 9.06
C ASP A 88 6.36 -24.82 10.45
N LYS A 89 7.30 -23.99 10.90
CA LYS A 89 7.14 -23.39 12.25
C LYS A 89 6.12 -22.23 12.18
N LEU A 90 5.87 -21.65 11.01
CA LEU A 90 4.89 -20.54 10.80
C LEU A 90 3.67 -21.05 10.01
N TYR A 91 2.52 -20.40 10.20
CA TYR A 91 1.20 -20.80 9.65
C TYR A 91 1.21 -20.63 8.14
N PRO A 92 0.80 -21.66 7.36
CA PRO A 92 0.81 -21.56 5.90
C PRO A 92 0.24 -20.22 5.40
N PHE A 93 -0.81 -19.68 6.02
CA PHE A 93 -1.49 -18.47 5.49
C PHE A 93 -0.58 -17.25 5.66
N THR A 94 0.28 -17.25 6.68
CA THR A 94 1.22 -16.12 6.93
C THR A 94 2.26 -16.10 5.80
N TRP A 95 2.71 -17.28 5.36
CA TRP A 95 3.62 -17.43 4.18
C TRP A 95 2.95 -16.87 2.92
N ASP A 96 1.66 -17.16 2.71
CA ASP A 96 0.90 -16.78 1.48
C ASP A 96 0.96 -15.25 1.33
N ALA A 97 0.91 -14.50 2.45
CA ALA A 97 0.88 -13.02 2.47
C ALA A 97 2.18 -12.44 1.92
N VAL A 98 3.28 -13.19 2.03
CA VAL A 98 4.62 -12.71 1.57
C VAL A 98 5.07 -13.56 0.38
N ARG A 99 4.14 -14.07 -0.43
CA ARG A 99 4.47 -14.73 -1.73
C ARG A 99 4.08 -13.79 -2.90
N TYR A 100 5.05 -13.45 -3.75
CA TYR A 100 4.92 -12.58 -4.94
C TYR A 100 5.69 -13.23 -6.11
N ASN A 101 4.98 -13.48 -7.22
CA ASN A 101 5.42 -14.25 -8.42
C ASN A 101 6.04 -15.57 -7.97
N GLY A 102 5.39 -16.25 -7.02
CA GLY A 102 5.74 -17.63 -6.59
C GLY A 102 7.02 -17.70 -5.79
N LYS A 103 7.65 -16.57 -5.46
CA LYS A 103 8.88 -16.47 -4.62
C LYS A 103 8.50 -15.83 -3.28
N LEU A 104 8.99 -16.37 -2.18
CA LEU A 104 8.92 -15.76 -0.83
C LEU A 104 9.80 -14.49 -0.82
N ILE A 105 9.21 -13.35 -0.45
CA ILE A 105 9.89 -12.02 -0.53
C ILE A 105 10.03 -11.42 0.87
N ALA A 106 9.61 -12.12 1.93
CA ALA A 106 9.73 -11.67 3.34
C ALA A 106 9.43 -12.81 4.30
N TYR A 107 9.85 -12.64 5.55
CA TYR A 107 9.42 -13.46 6.72
C TYR A 107 8.16 -12.84 7.34
N PRO A 108 7.05 -13.61 7.44
CA PRO A 108 5.88 -13.11 8.15
C PRO A 108 6.22 -13.11 9.65
N ILE A 109 5.77 -12.09 10.40
CA ILE A 109 6.01 -11.96 11.88
C ILE A 109 4.68 -12.11 12.64
N ALA A 110 3.61 -11.39 12.24
CA ALA A 110 2.36 -11.30 13.05
C ALA A 110 1.20 -10.76 12.20
N VAL A 111 -0.01 -11.21 12.52
CA VAL A 111 -1.27 -10.79 11.89
C VAL A 111 -1.87 -9.67 12.74
N GLU A 112 -2.33 -8.62 12.07
CA GLU A 112 -2.78 -7.34 12.67
C GLU A 112 -4.13 -7.05 12.05
N ALA A 113 -5.12 -6.81 12.89
CA ALA A 113 -6.42 -6.25 12.46
C ALA A 113 -6.81 -5.19 13.49
N LEU A 114 -7.47 -4.14 13.02
CA LEU A 114 -8.15 -3.17 13.91
C LEU A 114 -9.27 -3.88 14.66
N SER A 115 -9.39 -3.52 15.95
CA SER A 115 -10.53 -3.86 16.82
C SER A 115 -11.18 -2.56 17.31
N LEU A 116 -12.40 -2.65 17.85
CA LEU A 116 -12.99 -1.57 18.66
C LEU A 116 -12.43 -1.72 20.08
N ILE A 117 -11.77 -0.69 20.56
CA ILE A 117 -11.25 -0.58 21.94
C ILE A 117 -12.17 0.36 22.71
N TYR A 118 -12.74 -0.10 23.83
CA TYR A 118 -13.71 0.73 24.60
C TYR A 118 -13.36 0.80 26.08
N ASN A 119 -13.76 1.89 26.69
CA ASN A 119 -13.63 2.14 28.14
C ASN A 119 -14.78 1.45 28.83
N LYS A 120 -14.52 0.41 29.62
CA LYS A 120 -15.58 -0.34 30.33
C LYS A 120 -16.27 0.54 31.39
N ASP A 121 -15.54 1.47 32.00
CA ASP A 121 -16.12 2.31 33.10
C ASP A 121 -17.04 3.35 32.48
N LEU A 122 -16.84 3.75 31.23
CA LEU A 122 -17.73 4.72 30.51
C LEU A 122 -18.79 3.98 29.71
N LEU A 123 -18.45 2.81 29.19
CA LEU A 123 -19.29 2.08 28.21
C LEU A 123 -19.25 0.59 28.53
N PRO A 124 -20.05 0.10 29.53
CA PRO A 124 -20.08 -1.30 29.93
C PRO A 124 -20.48 -2.22 28.77
N ASN A 125 -21.46 -1.81 27.96
CA ASN A 125 -21.80 -2.49 26.69
C ASN A 125 -21.45 -1.59 25.54
N PRO A 126 -20.42 -1.94 24.75
CA PRO A 126 -20.02 -1.12 23.61
C PRO A 126 -21.07 -1.26 22.53
N PRO A 127 -21.21 -0.28 21.61
CA PRO A 127 -22.20 -0.35 20.54
C PRO A 127 -21.91 -1.46 19.52
N LYS A 128 -22.95 -2.12 19.02
CA LYS A 128 -22.84 -3.20 18.00
C LYS A 128 -22.88 -2.58 16.59
N THR A 129 -23.41 -1.35 16.43
CA THR A 129 -23.62 -0.68 15.12
C THR A 129 -23.07 0.75 15.11
N TRP A 130 -22.53 1.17 13.96
CA TRP A 130 -22.09 2.58 13.73
C TRP A 130 -23.29 3.52 13.88
N GLU A 131 -24.48 3.03 13.53
CA GLU A 131 -25.75 3.82 13.45
C GLU A 131 -26.13 4.39 14.84
N GLU A 132 -25.84 3.67 15.92
CA GLU A 132 -26.17 4.08 17.31
C GLU A 132 -25.08 4.99 17.92
N ILE A 133 -24.04 5.38 17.17
CA ILE A 133 -22.91 6.13 17.78
C ILE A 133 -23.29 7.60 17.93
N PRO A 134 -23.96 8.25 16.95
CA PRO A 134 -24.43 9.63 17.15
C PRO A 134 -25.27 9.81 18.42
N ALA A 135 -26.16 8.86 18.75
CA ALA A 135 -26.99 8.89 19.99
C ALA A 135 -26.06 8.79 21.18
N LEU A 136 -25.13 7.84 21.11
CA LEU A 136 -24.26 7.49 22.24
C LEU A 136 -23.33 8.68 22.52
N ASP A 137 -22.86 9.32 21.46
CA ASP A 137 -22.07 10.57 21.59
C ASP A 137 -22.88 11.67 22.28
N LYS A 138 -24.15 11.92 21.88
CA LYS A 138 -25.00 13.00 22.45
C LYS A 138 -25.08 12.81 23.96
N GLU A 139 -25.27 11.53 24.32
CA GLU A 139 -25.43 11.02 25.69
C GLU A 139 -24.13 11.23 26.46
N LEU A 140 -22.99 10.94 25.85
CA LEU A 140 -21.68 11.01 26.53
C LEU A 140 -21.26 12.48 26.68
N LYS A 141 -21.71 13.36 25.79
CA LYS A 141 -21.29 14.79 25.75
C LYS A 141 -21.90 15.54 26.93
N ALA A 142 -23.11 15.14 27.34
CA ALA A 142 -23.85 15.66 28.53
C ALA A 142 -23.05 15.41 29.82
N LYS A 143 -22.17 14.39 29.83
CA LYS A 143 -21.32 13.92 30.96
C LYS A 143 -19.87 14.36 30.70
N GLY A 144 -19.64 15.22 29.71
CA GLY A 144 -18.31 15.77 29.40
C GLY A 144 -17.39 14.76 28.75
N LYS A 145 -17.92 13.77 28.04
CA LYS A 145 -17.11 12.75 27.30
C LYS A 145 -17.55 12.73 25.82
N SER A 146 -16.90 11.92 25.01
CA SER A 146 -17.30 11.67 23.60
C SER A 146 -17.26 10.17 23.36
N ALA A 147 -18.02 9.70 22.37
CA ALA A 147 -18.17 8.27 22.07
C ALA A 147 -16.87 7.72 21.48
N LEU A 148 -16.34 8.39 20.45
CA LEU A 148 -15.38 7.78 19.50
C LEU A 148 -14.39 8.81 18.98
N MET A 149 -13.11 8.49 19.11
CA MET A 149 -12.01 9.22 18.44
C MET A 149 -11.03 8.19 17.93
N PHE A 150 -10.77 8.20 16.63
CA PHE A 150 -9.68 7.44 15.99
C PHE A 150 -9.03 8.28 14.90
N ASN A 151 -7.86 7.84 14.45
CA ASN A 151 -6.98 8.54 13.49
C ASN A 151 -7.73 8.70 12.17
N LEU A 152 -8.11 9.91 11.79
CA LEU A 152 -8.73 10.16 10.46
C LEU A 152 -7.68 10.60 9.43
N GLN A 153 -6.38 10.50 9.70
CA GLN A 153 -5.34 10.99 8.75
C GLN A 153 -4.75 9.81 7.96
N GLU A 154 -5.03 8.57 8.39
CA GLU A 154 -4.54 7.34 7.70
C GLU A 154 -5.74 6.49 7.29
N PRO A 155 -5.96 6.24 5.99
CA PRO A 155 -7.20 5.62 5.53
C PRO A 155 -7.40 4.20 6.10
N TYR A 156 -6.32 3.52 6.50
CA TYR A 156 -6.30 2.21 7.18
C TYR A 156 -7.41 2.13 8.24
N PHE A 157 -7.62 3.19 9.03
CA PHE A 157 -8.54 3.22 10.19
C PHE A 157 -9.99 3.45 9.77
N THR A 158 -10.20 3.98 8.58
CA THR A 158 -11.54 4.32 8.03
C THR A 158 -11.91 3.24 7.01
N TRP A 159 -10.96 2.40 6.61
CA TRP A 159 -11.22 1.36 5.60
C TRP A 159 -12.34 0.42 6.08
N PRO A 160 -12.35 -0.04 7.36
CA PRO A 160 -13.34 -1.03 7.81
C PRO A 160 -14.79 -0.54 7.64
N LEU A 161 -15.01 0.75 7.79
CA LEU A 161 -16.35 1.34 7.58
C LEU A 161 -16.60 1.50 6.07
N ILE A 162 -15.59 1.88 5.30
CA ILE A 162 -15.75 2.08 3.83
C ILE A 162 -16.05 0.73 3.16
N ALA A 163 -15.42 -0.34 3.61
CA ALA A 163 -15.57 -1.72 3.08
C ALA A 163 -16.94 -2.32 3.45
N ALA A 164 -17.52 -1.91 4.57
CA ALA A 164 -18.62 -2.61 5.26
C ALA A 164 -19.78 -2.91 4.28
N ASP A 165 -20.26 -1.90 3.54
CA ASP A 165 -21.46 -2.03 2.66
C ASP A 165 -21.06 -2.12 1.17
N GLY A 166 -19.98 -2.82 0.82
CA GLY A 166 -19.68 -3.18 -0.57
C GLY A 166 -18.51 -2.44 -1.20
N GLY A 167 -17.78 -1.62 -0.42
CA GLY A 167 -16.47 -1.04 -0.78
C GLY A 167 -15.40 -2.13 -0.84
N TYR A 168 -14.45 -1.99 -1.79
CA TYR A 168 -13.30 -2.91 -1.98
C TYR A 168 -12.23 -2.18 -2.79
N ALA A 169 -10.98 -2.63 -2.64
CA ALA A 169 -9.83 -2.09 -3.40
C ALA A 169 -9.81 -2.77 -4.79
N PHE A 170 -9.52 -4.07 -4.83
CA PHE A 170 -9.42 -4.94 -6.03
C PHE A 170 -10.20 -6.24 -5.76
N LYS A 171 -11.16 -6.61 -6.62
CA LYS A 171 -12.02 -7.82 -6.46
C LYS A 171 -11.15 -9.07 -6.60
N TYR A 172 -11.46 -10.11 -5.83
CA TYR A 172 -10.74 -11.41 -5.82
C TYR A 172 -11.69 -12.50 -6.34
N LYS A 176 -7.22 -15.14 -8.46
CA LYS A 176 -6.50 -14.17 -7.59
C LYS A 176 -7.18 -12.78 -7.66
N TYR A 177 -6.39 -11.70 -7.61
CA TYR A 177 -6.84 -10.27 -7.53
C TYR A 177 -6.99 -9.68 -8.93
N ASP A 178 -8.18 -9.17 -9.27
CA ASP A 178 -8.46 -8.44 -10.54
C ASP A 178 -8.22 -6.94 -10.38
N ILE A 179 -7.09 -6.45 -10.92
CA ILE A 179 -6.60 -5.04 -10.95
C ILE A 179 -7.43 -4.19 -11.94
N LYS A 180 -8.33 -4.79 -12.74
CA LYS A 180 -9.27 -4.08 -13.66
C LYS A 180 -10.58 -3.71 -12.94
N ASP A 181 -10.90 -4.35 -11.81
CA ASP A 181 -12.15 -4.16 -11.01
C ASP A 181 -11.81 -3.51 -9.66
N VAL A 182 -11.83 -2.18 -9.61
CA VAL A 182 -11.61 -1.33 -8.40
C VAL A 182 -12.97 -0.84 -7.87
N GLY A 183 -13.24 -1.03 -6.57
CA GLY A 183 -14.52 -0.67 -5.93
C GLY A 183 -14.37 0.44 -4.89
N VAL A 184 -13.69 1.53 -5.25
CA VAL A 184 -13.39 2.66 -4.33
C VAL A 184 -14.54 3.67 -4.40
N ASP A 185 -15.22 3.80 -5.55
CA ASP A 185 -16.26 4.86 -5.70
C ASP A 185 -17.64 4.24 -5.99
N ASN A 186 -17.89 3.03 -5.47
CA ASN A 186 -19.19 2.32 -5.63
C ASN A 186 -20.13 2.80 -4.51
N ALA A 187 -21.40 2.42 -4.55
CA ALA A 187 -22.45 2.86 -3.61
C ALA A 187 -22.03 2.55 -2.17
N GLY A 188 -21.56 1.32 -1.94
CA GLY A 188 -21.17 0.82 -0.61
C GLY A 188 -20.16 1.72 0.04
N ALA A 189 -19.11 2.09 -0.71
CA ALA A 189 -18.01 2.96 -0.24
C ALA A 189 -18.53 4.37 0.02
N LYS A 190 -19.40 4.90 -0.84
CA LYS A 190 -19.94 6.28 -0.72
C LYS A 190 -20.72 6.39 0.60
N ALA A 191 -21.49 5.36 0.93
CA ALA A 191 -22.34 5.22 2.12
C ALA A 191 -21.47 5.25 3.38
N GLY A 192 -20.42 4.41 3.40
CA GLY A 192 -19.42 4.34 4.48
C GLY A 192 -18.79 5.68 4.72
N LEU A 193 -18.22 6.29 3.68
CA LEU A 193 -17.48 7.56 3.83
C LEU A 193 -18.48 8.70 4.11
N THR A 194 -19.74 8.57 3.70
CA THR A 194 -20.81 9.59 3.94
C THR A 194 -21.17 9.59 5.42
N PHE A 195 -21.31 8.39 6.00
CA PHE A 195 -21.54 8.18 7.45
C PHE A 195 -20.41 8.86 8.25
N LEU A 196 -19.15 8.61 7.89
CA LEU A 196 -18.00 9.29 8.52
C LEU A 196 -18.16 10.82 8.40
N VAL A 197 -18.45 11.34 7.21
CA VAL A 197 -18.47 12.82 7.02
C VAL A 197 -19.61 13.39 7.85
N ASP A 198 -20.70 12.64 8.00
CA ASP A 198 -21.89 13.08 8.78
C ASP A 198 -21.52 13.15 10.27
N LEU A 199 -20.82 12.13 10.75
CA LEU A 199 -20.29 12.10 12.13
C LEU A 199 -19.54 13.42 12.38
N ILE A 200 -18.67 13.81 11.45
CA ILE A 200 -17.82 15.02 11.56
C ILE A 200 -18.72 16.27 11.46
N LYS A 201 -19.63 16.29 10.50
CA LYS A 201 -20.50 17.46 10.21
C LYS A 201 -21.33 17.76 11.48
N ASN A 202 -21.89 16.72 12.11
CA ASN A 202 -22.76 16.76 13.30
C ASN A 202 -21.91 16.80 14.58
N LYS A 203 -20.60 17.02 14.46
CA LYS A 203 -19.68 17.34 15.59
C LYS A 203 -19.47 16.16 16.53
N HIS A 204 -19.66 14.92 16.09
CA HIS A 204 -19.40 13.67 16.87
C HIS A 204 -17.95 13.24 16.70
N MET A 205 -17.23 13.84 15.74
CA MET A 205 -15.79 13.61 15.48
C MET A 205 -15.24 14.88 14.86
N ASN A 206 -13.93 15.02 14.86
CA ASN A 206 -13.21 16.21 14.38
C ASN A 206 -12.29 15.75 13.24
N ALA A 207 -12.41 16.32 12.04
CA ALA A 207 -11.57 16.01 10.84
C ALA A 207 -10.07 16.00 11.16
N ASP A 208 -9.61 16.85 12.08
CA ASP A 208 -8.18 17.06 12.40
C ASP A 208 -7.64 15.98 13.36
N THR A 209 -8.52 15.16 13.93
CA THR A 209 -8.13 14.07 14.86
C THR A 209 -7.14 13.16 14.14
N ASP A 210 -5.98 12.94 14.77
CA ASP A 210 -4.90 12.04 14.26
C ASP A 210 -4.61 10.95 15.31
N TYR A 211 -3.49 10.25 15.15
CA TYR A 211 -3.15 9.04 15.94
C TYR A 211 -2.84 9.45 17.38
N SER A 212 -2.02 10.49 17.53
CA SER A 212 -1.64 11.07 18.83
C SER A 212 -2.89 11.50 19.58
N ILE A 213 -3.69 12.33 18.94
CA ILE A 213 -4.83 13.01 19.61
C ILE A 213 -5.81 11.94 20.10
N ALA A 214 -6.21 10.98 19.26
CA ALA A 214 -7.12 9.87 19.66
C ALA A 214 -6.51 9.07 20.81
N GLU A 215 -5.22 8.73 20.72
CA GLU A 215 -4.52 7.85 21.69
C GLU A 215 -4.52 8.54 23.06
N ALA A 216 -4.27 9.85 23.09
CA ALA A 216 -4.20 10.66 24.32
C ALA A 216 -5.59 10.72 24.95
N ALA A 217 -6.62 10.92 24.13
CA ALA A 217 -8.01 11.12 24.57
C ALA A 217 -8.53 9.80 25.16
N PHE A 218 -8.28 8.68 24.49
CA PHE A 218 -8.76 7.40 25.05
C PHE A 218 -8.04 7.16 26.38
N ASN A 219 -6.72 7.39 26.43
CA ASN A 219 -5.81 6.98 27.52
C ASN A 219 -5.97 7.92 28.76
N LYS A 220 -6.56 9.10 28.61
CA LYS A 220 -6.97 10.03 29.70
C LYS A 220 -8.46 9.85 30.06
N GLY A 221 -9.20 9.02 29.33
CA GLY A 221 -10.59 8.69 29.63
C GLY A 221 -11.54 9.77 29.19
N GLU A 222 -11.18 10.54 28.16
CA GLU A 222 -12.05 11.64 27.64
C GLU A 222 -13.01 11.07 26.56
N THR A 223 -12.61 10.00 25.88
CA THR A 223 -13.43 9.33 24.82
C THR A 223 -13.63 7.87 25.23
N ALA A 224 -14.78 7.31 24.89
CA ALA A 224 -15.24 5.99 25.38
C ALA A 224 -14.68 4.91 24.48
N MET A 225 -14.22 5.27 23.28
CA MET A 225 -13.88 4.30 22.20
C MET A 225 -12.76 4.84 21.32
N THR A 226 -11.95 3.94 20.79
CA THR A 226 -11.01 4.22 19.68
C THR A 226 -10.94 2.97 18.83
N ILE A 227 -10.32 3.10 17.65
CA ILE A 227 -10.11 2.00 16.67
C ILE A 227 -8.62 1.90 16.51
N ASN A 228 -8.06 0.76 16.87
CA ASN A 228 -6.59 0.65 16.84
C ASN A 228 -6.21 -0.82 16.88
N GLY A 229 -4.91 -1.07 16.71
CA GLY A 229 -4.34 -2.41 16.60
C GLY A 229 -3.72 -2.82 17.93
N PRO A 230 -3.23 -4.09 18.02
CA PRO A 230 -2.51 -4.59 19.19
C PRO A 230 -1.28 -3.76 19.67
N TRP A 231 -0.58 -3.09 18.77
CA TRP A 231 0.57 -2.23 19.20
C TRP A 231 0.12 -1.19 20.24
N ALA A 232 -1.16 -0.81 20.24
CA ALA A 232 -1.73 0.30 21.06
C ALA A 232 -1.92 -0.11 22.53
N TRP A 233 -1.96 -1.40 22.83
CA TRP A 233 -2.53 -1.94 24.09
C TRP A 233 -1.59 -1.61 25.27
N SER A 234 -0.27 -1.63 25.02
CA SER A 234 0.81 -1.29 26.00
C SER A 234 0.57 0.08 26.63
N ASN A 235 0.28 1.12 25.85
CA ASN A 235 0.08 2.49 26.38
C ASN A 235 -1.19 2.54 27.21
N ILE A 236 -2.20 1.75 26.84
CA ILE A 236 -3.51 1.79 27.54
C ILE A 236 -3.33 1.09 28.89
N ASP A 237 -2.59 -0.03 28.89
CA ASP A 237 -2.22 -0.82 30.09
C ASP A 237 -1.59 0.12 31.13
N THR A 238 -0.66 0.97 30.67
CA THR A 238 0.13 1.96 31.44
C THR A 238 -0.75 3.11 31.96
N SER A 239 -1.84 3.46 31.28
CA SER A 239 -2.78 4.56 31.65
C SER A 239 -3.79 4.07 32.70
N ALA A 240 -3.84 2.75 32.95
CA ALA A 240 -4.73 2.14 33.96
C ALA A 240 -6.22 2.34 33.60
N VAL A 241 -6.54 2.71 32.35
CA VAL A 241 -7.94 2.67 31.82
C VAL A 241 -8.35 1.20 31.81
N ASN A 242 -9.55 0.93 32.28
CA ASN A 242 -10.22 -0.39 32.26
C ASN A 242 -10.84 -0.57 30.86
N TYR A 243 -10.11 -1.16 29.92
CA TYR A 243 -10.54 -1.26 28.51
C TYR A 243 -10.90 -2.70 28.15
N GLY A 244 -11.74 -2.82 27.12
CA GLY A 244 -12.01 -4.09 26.45
C GLY A 244 -11.68 -4.00 24.98
N VAL A 245 -11.43 -5.17 24.38
CA VAL A 245 -11.16 -5.28 22.92
C VAL A 245 -12.27 -6.15 22.34
N THR A 246 -13.00 -5.60 21.37
CA THR A 246 -14.23 -6.22 20.82
C THR A 246 -14.25 -6.06 19.30
N VAL A 247 -15.21 -6.78 18.71
CA VAL A 247 -15.62 -6.74 17.29
C VAL A 247 -16.05 -5.31 16.96
N LEU A 248 -15.69 -4.86 15.76
CA LEU A 248 -16.07 -3.51 15.29
C LEU A 248 -17.59 -3.43 15.13
N PRO A 249 -18.18 -2.23 15.20
CA PRO A 249 -19.59 -2.05 14.92
C PRO A 249 -19.94 -2.44 13.48
N THR A 250 -21.18 -2.86 13.24
CA THR A 250 -21.70 -3.12 11.89
C THR A 250 -22.12 -1.79 11.27
N PHE A 251 -22.12 -1.71 9.92
CA PHE A 251 -22.75 -0.61 9.14
C PHE A 251 -23.79 -1.24 8.21
N LYS A 252 -25.02 -0.71 8.27
CA LYS A 252 -26.19 -1.19 7.51
C LYS A 252 -26.33 -2.70 7.70
N GLY A 253 -26.03 -3.19 8.90
CA GLY A 253 -26.19 -4.60 9.27
C GLY A 253 -25.01 -5.43 8.86
N GLN A 254 -24.09 -4.88 8.08
CA GLN A 254 -22.94 -5.62 7.50
C GLN A 254 -21.73 -5.39 8.41
N PRO A 255 -20.86 -6.41 8.57
CA PRO A 255 -19.71 -6.29 9.49
C PRO A 255 -18.72 -5.27 8.95
N SER A 256 -17.95 -4.64 9.84
CA SER A 256 -16.83 -3.77 9.46
C SER A 256 -15.73 -4.69 8.93
N LYS A 257 -15.20 -4.39 7.73
CA LYS A 257 -14.19 -5.24 7.05
C LYS A 257 -12.83 -4.55 7.14
N PRO A 258 -12.04 -4.76 8.21
CA PRO A 258 -10.70 -4.20 8.28
C PRO A 258 -9.79 -4.87 7.24
N PHE A 259 -8.84 -4.11 6.71
CA PHE A 259 -7.75 -4.70 5.89
C PHE A 259 -6.74 -5.30 6.88
N VAL A 260 -6.52 -6.60 6.80
CA VAL A 260 -5.61 -7.33 7.73
C VAL A 260 -4.18 -7.21 7.17
N GLY A 261 -3.24 -6.80 8.03
CA GLY A 261 -1.80 -6.77 7.72
C GLY A 261 -1.08 -7.94 8.35
N VAL A 262 -0.04 -8.43 7.69
CA VAL A 262 0.95 -9.36 8.25
C VAL A 262 2.24 -8.56 8.34
N LEU A 263 2.65 -8.21 9.56
CA LEU A 263 3.97 -7.60 9.80
C LEU A 263 5.00 -8.58 9.27
N SER A 264 5.91 -8.05 8.45
CA SER A 264 6.82 -8.83 7.59
C SER A 264 8.20 -8.18 7.63
N ALA A 265 9.23 -9.01 7.57
CA ALA A 265 10.65 -8.60 7.57
C ALA A 265 11.27 -8.97 6.22
N GLY A 266 11.56 -7.97 5.40
CA GLY A 266 12.24 -8.15 4.11
C GLY A 266 13.72 -7.87 4.23
N ILE A 267 14.53 -8.49 3.39
CA ILE A 267 15.99 -8.22 3.31
C ILE A 267 16.29 -7.49 2.00
N ASN A 268 16.81 -6.28 2.14
CA ASN A 268 17.28 -5.40 1.04
C ASN A 268 18.16 -6.23 0.09
N ALA A 269 17.85 -6.20 -1.21
CA ALA A 269 18.65 -6.92 -2.23
C ALA A 269 20.09 -6.38 -2.28
N ALA A 270 20.38 -5.15 -1.79
CA ALA A 270 21.70 -4.47 -1.88
C ALA A 270 22.56 -4.77 -0.66
N SER A 271 22.10 -5.67 0.20
CA SER A 271 22.71 -5.92 1.51
C SER A 271 23.89 -6.88 1.32
N PRO A 272 25.08 -6.51 1.84
CA PRO A 272 26.21 -7.43 1.90
C PRO A 272 26.11 -8.45 3.04
N ASN A 273 25.01 -8.44 3.80
CA ASN A 273 24.86 -9.15 5.10
C ASN A 273 23.62 -10.05 5.09
N LYS A 274 23.16 -10.50 3.92
CA LYS A 274 21.94 -11.36 3.79
C LYS A 274 21.97 -12.58 4.73
N GLU A 275 23.13 -13.26 4.85
CA GLU A 275 23.28 -14.50 5.69
C GLU A 275 22.98 -14.15 7.14
N LEU A 276 23.47 -12.99 7.58
CA LEU A 276 23.28 -12.48 8.96
C LEU A 276 21.79 -12.16 9.20
N ALA A 277 21.15 -11.42 8.30
CA ALA A 277 19.70 -11.12 8.37
C ALA A 277 18.89 -12.41 8.49
N LYS A 278 19.12 -13.41 7.62
CA LYS A 278 18.40 -14.72 7.67
C LYS A 278 18.59 -15.34 9.05
N GLU A 279 19.84 -15.37 9.53
CA GLU A 279 20.21 -16.00 10.82
C GLU A 279 19.45 -15.24 11.93
N PHE A 280 19.55 -13.92 11.94
CA PHE A 280 18.81 -13.06 12.89
C PHE A 280 17.32 -13.39 12.84
N LEU A 281 16.68 -13.25 11.67
CA LEU A 281 15.22 -13.37 11.57
C LEU A 281 14.80 -14.80 11.89
N GLU A 282 15.46 -15.81 11.32
CA GLU A 282 15.03 -17.23 11.45
C GLU A 282 15.32 -17.76 12.87
N ASN A 283 16.52 -17.53 13.41
CA ASN A 283 17.00 -18.17 14.67
C ASN A 283 17.06 -17.23 15.87
N TYR A 284 16.71 -15.95 15.74
CA TYR A 284 16.71 -15.00 16.90
C TYR A 284 15.31 -14.43 17.09
N LEU A 285 14.77 -13.71 16.09
CA LEU A 285 13.42 -13.08 16.14
C LEU A 285 12.34 -14.16 16.14
N LEU A 286 12.31 -15.04 15.14
CA LEU A 286 11.12 -15.90 14.94
C LEU A 286 11.27 -17.15 15.82
N THR A 287 11.43 -16.89 17.13
CA THR A 287 11.56 -17.86 18.24
C THR A 287 10.56 -17.48 19.32
N ASP A 288 10.20 -18.39 20.23
CA ASP A 288 9.34 -18.04 21.41
C ASP A 288 9.96 -16.86 22.16
N GLU A 289 11.29 -16.85 22.33
CA GLU A 289 12.04 -15.90 23.18
C GLU A 289 12.10 -14.57 22.45
N GLY A 290 12.30 -14.66 21.12
CA GLY A 290 12.53 -13.51 20.25
C GLY A 290 11.30 -12.67 20.16
N LEU A 291 10.16 -13.33 19.91
CA LEU A 291 8.84 -12.66 19.69
C LEU A 291 8.32 -12.18 21.06
N GLU A 292 8.52 -12.95 22.12
CA GLU A 292 8.12 -12.57 23.51
C GLU A 292 8.80 -11.22 23.84
N ALA A 293 10.08 -11.08 23.54
CA ALA A 293 10.87 -9.85 23.77
C ALA A 293 10.12 -8.66 23.18
N VAL A 294 9.80 -8.72 21.88
CA VAL A 294 9.12 -7.65 21.09
C VAL A 294 7.69 -7.43 21.61
N ASN A 295 6.95 -8.50 21.80
CA ASN A 295 5.52 -8.50 22.17
C ASN A 295 5.32 -7.82 23.53
N LYS A 296 6.32 -7.87 24.39
CA LYS A 296 6.30 -7.21 25.73
C LYS A 296 6.53 -5.72 25.56
N ASP A 297 7.27 -5.31 24.53
CA ASP A 297 7.48 -3.86 24.25
C ASP A 297 6.13 -3.34 23.73
N LYS A 298 5.69 -3.81 22.55
CA LYS A 298 4.39 -3.47 21.94
C LYS A 298 3.77 -4.74 21.35
N PRO A 299 2.57 -5.17 21.78
CA PRO A 299 2.00 -6.43 21.32
C PRO A 299 1.89 -6.57 19.79
N LEU A 300 2.25 -7.74 19.28
CA LEU A 300 2.43 -8.00 17.84
C LEU A 300 1.09 -8.33 17.18
N GLY A 301 0.12 -8.82 17.96
CA GLY A 301 -1.13 -9.43 17.45
C GLY A 301 -0.98 -10.93 17.40
N ALA A 302 -1.66 -11.58 16.48
CA ALA A 302 -1.58 -13.04 16.31
C ALA A 302 -0.28 -13.39 15.58
N VAL A 303 0.74 -13.84 16.32
CA VAL A 303 2.10 -14.05 15.72
C VAL A 303 2.04 -15.24 14.75
N ALA A 304 2.96 -15.21 13.77
CA ALA A 304 3.00 -16.22 12.69
C ALA A 304 3.59 -17.53 13.23
N LEU A 305 4.37 -17.47 14.31
CA LEU A 305 5.08 -18.64 14.87
C LEU A 305 4.07 -19.46 15.70
N LYS A 306 3.65 -20.63 15.17
CA LYS A 306 2.64 -21.54 15.78
C LYS A 306 2.94 -21.75 17.26
N SER A 307 4.19 -22.05 17.63
CA SER A 307 4.57 -22.39 19.02
C SER A 307 4.11 -21.27 19.95
N TYR A 308 4.41 -20.01 19.64
CA TYR A 308 4.10 -18.85 20.52
C TYR A 308 2.66 -18.39 20.32
N GLU A 309 2.08 -18.56 19.13
CA GLU A 309 0.66 -18.18 18.89
C GLU A 309 -0.26 -19.03 19.77
N GLU A 310 0.10 -20.27 20.10
CA GLU A 310 -0.72 -21.17 20.96
C GLU A 310 -0.86 -20.56 22.36
N GLU A 311 0.23 -20.00 22.89
CA GLU A 311 0.31 -19.25 24.17
C GLU A 311 -0.65 -18.04 24.14
N LEU A 312 -0.56 -17.18 23.14
CA LEU A 312 -1.25 -15.87 23.14
C LEU A 312 -2.72 -16.03 22.68
N ALA A 313 -3.07 -17.14 22.01
CA ALA A 313 -4.43 -17.44 21.49
C ALA A 313 -5.47 -17.37 22.61
N LYS A 314 -5.04 -17.66 23.85
CA LYS A 314 -5.89 -17.74 25.05
C LYS A 314 -6.33 -16.34 25.46
N ASP A 315 -5.61 -15.31 25.01
CA ASP A 315 -5.89 -13.89 25.35
C ASP A 315 -7.16 -13.45 24.64
N PRO A 316 -8.20 -12.97 25.34
CA PRO A 316 -9.41 -12.51 24.67
C PRO A 316 -9.20 -11.29 23.75
N ARG A 317 -8.10 -10.55 23.95
CA ARG A 317 -7.77 -9.40 23.07
C ARG A 317 -7.27 -9.92 21.72
N ILE A 318 -6.54 -11.04 21.71
CA ILE A 318 -6.10 -11.72 20.46
C ILE A 318 -7.34 -12.34 19.78
N ALA A 319 -8.24 -12.91 20.58
CA ALA A 319 -9.43 -13.60 20.06
C ALA A 319 -10.31 -12.58 19.34
N ALA A 320 -10.52 -11.40 19.92
CA ALA A 320 -11.22 -10.27 19.26
C ALA A 320 -10.45 -9.82 18.01
N THR A 321 -9.12 -9.73 18.08
CA THR A 321 -8.28 -9.38 16.91
C THR A 321 -8.60 -10.37 15.78
N MET A 322 -8.48 -11.67 16.05
CA MET A 322 -8.76 -12.76 15.05
C MET A 322 -10.21 -12.66 14.57
N GLU A 323 -11.16 -12.31 15.45
CA GLU A 323 -12.60 -12.19 15.10
C GLU A 323 -12.75 -11.12 14.03
N ASN A 324 -12.13 -9.96 14.26
CA ASN A 324 -12.10 -8.81 13.31
C ASN A 324 -11.36 -9.20 12.04
N ALA A 325 -10.27 -9.96 12.18
CA ALA A 325 -9.48 -10.48 11.04
C ALA A 325 -10.42 -11.23 10.09
N GLN A 326 -11.25 -12.16 10.59
CA GLN A 326 -12.08 -13.04 9.73
C GLN A 326 -13.28 -12.28 9.14
N LYS A 327 -13.74 -11.19 9.75
CA LYS A 327 -14.84 -10.38 9.14
C LYS A 327 -14.26 -9.54 7.99
N GLY A 328 -12.94 -9.32 8.01
CA GLY A 328 -12.21 -8.47 7.06
C GLY A 328 -11.53 -9.28 5.98
N GLU A 329 -10.61 -8.65 5.23
CA GLU A 329 -9.89 -9.32 4.13
C GLU A 329 -8.40 -8.99 4.27
N ILE A 330 -7.57 -10.03 4.17
CA ILE A 330 -6.09 -9.91 4.12
C ILE A 330 -5.67 -9.03 2.93
N MET A 331 -4.81 -8.05 3.15
CA MET A 331 -4.47 -7.04 2.11
C MET A 331 -3.83 -7.73 0.90
N PRO A 332 -4.07 -7.22 -0.32
CA PRO A 332 -3.23 -7.59 -1.46
C PRO A 332 -1.80 -7.07 -1.25
N ASN A 333 -0.79 -7.75 -1.81
CA ASN A 333 0.63 -7.28 -1.83
C ASN A 333 1.02 -6.76 -3.24
N ILE A 334 0.05 -6.60 -4.14
CA ILE A 334 0.32 -6.22 -5.55
C ILE A 334 0.90 -4.80 -5.60
N PRO A 335 1.75 -4.48 -6.61
CA PRO A 335 2.50 -3.21 -6.63
C PRO A 335 1.63 -1.95 -6.58
N GLN A 336 0.35 -2.10 -6.91
CA GLN A 336 -0.61 -0.99 -7.06
CA GLN A 336 -0.55 -0.93 -7.04
C GLN A 336 -1.22 -0.63 -5.69
N MET A 337 -0.90 -1.39 -4.63
CA MET A 337 -1.41 -1.12 -3.26
C MET A 337 -0.98 0.29 -2.83
N SER A 338 0.24 0.70 -3.18
CA SER A 338 0.82 2.02 -2.80
C SER A 338 0.00 3.17 -3.40
N ALA A 339 -0.41 3.05 -4.67
CA ALA A 339 -1.20 4.09 -5.34
C ALA A 339 -2.61 4.10 -4.75
N PHE A 340 -3.13 2.93 -4.41
CA PHE A 340 -4.51 2.78 -3.86
C PHE A 340 -4.63 3.57 -2.55
N TRP A 341 -3.67 3.38 -1.65
CA TRP A 341 -3.67 4.01 -0.31
C TRP A 341 -3.47 5.52 -0.45
N TYR A 342 -2.69 5.97 -1.42
CA TYR A 342 -2.37 7.41 -1.57
C TYR A 342 -3.66 8.12 -2.00
N ALA A 343 -4.44 7.45 -2.84
CA ALA A 343 -5.70 7.95 -3.42
C ALA A 343 -6.76 8.02 -2.33
N VAL A 344 -6.90 6.92 -1.58
CA VAL A 344 -7.94 6.80 -0.53
C VAL A 344 -7.58 7.70 0.66
N ARG A 345 -6.30 7.85 1.03
CA ARG A 345 -5.87 8.81 2.08
C ARG A 345 -6.40 10.19 1.72
N THR A 346 -6.09 10.64 0.51
CA THR A 346 -6.47 11.98 -0.02
C THR A 346 -8.00 12.11 -0.04
N ALA A 347 -8.75 11.07 -0.41
CA ALA A 347 -10.23 11.14 -0.47
C ALA A 347 -10.77 11.38 0.94
N VAL A 348 -10.23 10.65 1.90
CA VAL A 348 -10.74 10.70 3.30
C VAL A 348 -10.42 12.10 3.88
N ILE A 349 -9.21 12.59 3.72
CA ILE A 349 -8.85 13.91 4.32
C ILE A 349 -9.74 15.01 3.70
N ASN A 350 -9.96 15.00 2.39
CA ASN A 350 -10.72 16.06 1.65
C ASN A 350 -12.24 15.94 1.90
N ALA A 351 -12.79 14.74 2.07
CA ALA A 351 -14.20 14.54 2.44
C ALA A 351 -14.42 15.02 3.89
N ALA A 352 -13.56 14.57 4.80
CA ALA A 352 -13.57 14.93 6.23
C ALA A 352 -13.49 16.45 6.39
N SER A 353 -12.61 17.14 5.67
CA SER A 353 -12.33 18.59 5.86
C SER A 353 -13.34 19.43 5.09
N GLY A 354 -14.09 18.80 4.19
CA GLY A 354 -15.09 19.47 3.34
C GLY A 354 -14.48 20.17 2.13
N ARG A 355 -13.21 19.94 1.82
CA ARG A 355 -12.54 20.57 0.65
C ARG A 355 -13.05 19.94 -0.67
N GLN A 356 -13.51 18.70 -0.64
CA GLN A 356 -14.28 18.03 -1.72
C GLN A 356 -15.52 17.41 -1.07
N THR A 357 -16.50 17.04 -1.90
CA THR A 357 -17.68 16.23 -1.51
C THR A 357 -17.25 14.77 -1.50
N VAL A 358 -18.07 13.86 -0.95
CA VAL A 358 -17.79 12.40 -0.95
C VAL A 358 -17.66 11.95 -2.42
N ASP A 359 -18.59 12.39 -3.29
CA ASP A 359 -18.64 11.99 -4.73
C ASP A 359 -17.38 12.47 -5.46
N GLU A 360 -17.06 13.75 -5.35
CA GLU A 360 -15.83 14.36 -5.90
C GLU A 360 -14.62 13.54 -5.44
N ALA A 361 -14.54 13.21 -4.15
CA ALA A 361 -13.31 12.72 -3.49
C ALA A 361 -13.08 11.25 -3.85
N LEU A 362 -14.15 10.45 -3.90
CA LEU A 362 -14.03 9.00 -4.16
C LEU A 362 -13.84 8.78 -5.66
N LYS A 363 -14.40 9.66 -6.50
CA LYS A 363 -14.16 9.70 -7.98
C LYS A 363 -12.64 9.84 -8.21
N ASP A 364 -12.03 10.85 -7.61
CA ASP A 364 -10.58 11.11 -7.73
C ASP A 364 -9.78 9.91 -7.24
N ALA A 365 -10.29 9.16 -6.27
CA ALA A 365 -9.57 7.99 -5.71
C ALA A 365 -9.73 6.80 -6.66
N GLN A 366 -10.87 6.71 -7.35
CA GLN A 366 -11.13 5.68 -8.39
C GLN A 366 -10.18 5.92 -9.58
N THR A 367 -10.00 7.15 -10.03
CA THR A 367 -9.05 7.52 -11.10
C THR A 367 -7.63 7.14 -10.66
N GLY A 368 -7.22 7.54 -9.45
CA GLY A 368 -5.87 7.29 -8.93
C GLY A 368 -5.58 5.81 -8.82
N SER A 369 -6.52 5.04 -8.30
CA SER A 369 -6.32 3.60 -8.07
C SER A 369 -6.34 2.85 -9.41
N GLU A 370 -7.05 3.34 -10.44
CA GLU A 370 -7.14 2.68 -11.77
C GLU A 370 -6.01 3.15 -12.69
N LEU A 371 -5.39 4.28 -12.37
CA LEU A 371 -4.59 5.08 -13.32
C LEU A 371 -3.50 4.23 -13.97
N TYR A 372 -2.77 3.43 -13.18
CA TYR A 372 -1.63 2.68 -13.74
C TYR A 372 -2.16 1.66 -14.76
N ARG A 373 -3.20 0.88 -14.42
CA ARG A 373 -3.69 -0.17 -15.34
C ARG A 373 -4.29 0.50 -16.57
N GLN A 374 -5.05 1.58 -16.41
CA GLN A 374 -5.66 2.34 -17.54
C GLN A 374 -4.54 2.82 -18.49
N SER A 375 -3.50 3.44 -17.94
CA SER A 375 -2.33 3.99 -18.66
C SER A 375 -1.57 2.88 -19.40
N LEU A 376 -1.24 1.77 -18.74
CA LEU A 376 -0.55 0.60 -19.36
C LEU A 376 -1.32 0.07 -20.59
N GLU A 377 -2.60 -0.25 -20.42
CA GLU A 377 -3.52 -0.71 -21.51
C GLU A 377 -3.37 0.20 -22.76
N ILE A 378 -3.55 1.52 -22.61
CA ILE A 378 -3.53 2.49 -23.73
C ILE A 378 -2.13 2.47 -24.35
N ILE A 379 -1.11 2.63 -23.53
CA ILE A 379 0.29 2.81 -23.99
C ILE A 379 0.74 1.50 -24.65
N SER A 380 0.55 0.36 -24.01
CA SER A 380 1.08 -0.90 -24.58
C SER A 380 0.31 -1.22 -25.88
N ARG A 381 -0.98 -0.88 -25.96
CA ARG A 381 -1.80 -1.18 -27.15
C ARG A 381 -1.32 -0.32 -28.31
N TYR A 382 -1.07 0.95 -28.06
CA TYR A 382 -0.56 1.89 -29.09
C TYR A 382 0.78 1.38 -29.60
N LEU A 383 1.64 0.97 -28.68
CA LEU A 383 3.01 0.50 -29.07
C LEU A 383 2.88 -0.76 -29.92
N ARG A 384 2.07 -1.72 -29.50
CA ARG A 384 1.98 -3.03 -30.19
C ARG A 384 1.34 -2.83 -31.57
N GLU A 385 0.28 -2.03 -31.69
CA GLU A 385 -0.37 -1.82 -33.01
C GLU A 385 0.53 -0.96 -33.91
N GLN A 386 1.33 -0.05 -33.35
CA GLN A 386 2.28 0.73 -34.17
C GLN A 386 3.29 -0.24 -34.78
N ALA A 387 3.79 -1.16 -33.98
CA ALA A 387 4.90 -2.07 -34.33
C ALA A 387 4.43 -3.12 -35.35
N THR A 388 3.21 -3.63 -35.24
CA THR A 388 2.73 -4.81 -35.99
C THR A 388 1.92 -4.39 -37.23
N GLY A 389 1.33 -3.19 -37.24
CA GLY A 389 0.38 -2.73 -38.26
C GLY A 389 -1.06 -3.05 -37.88
N ALA A 390 -1.30 -3.93 -36.91
CA ALA A 390 -2.65 -4.45 -36.60
C ALA A 390 -3.01 -4.13 -35.15
N ALA A 391 -4.24 -3.61 -34.95
CA ALA A 391 -4.85 -3.27 -33.65
C ALA A 391 -5.14 -4.56 -32.90
N ASP A 392 -5.16 -4.50 -31.56
CA ASP A 392 -5.40 -5.66 -30.67
C ASP A 392 -6.91 -5.84 -30.58
N THR A 393 -7.39 -7.06 -30.82
CA THR A 393 -8.84 -7.42 -30.97
C THR A 393 -9.54 -7.42 -29.61
N ALA A 394 -8.83 -7.80 -28.55
CA ALA A 394 -9.34 -8.00 -27.19
C ALA A 394 -10.07 -6.74 -26.71
N PRO A 395 -11.18 -6.90 -25.95
CA PRO A 395 -11.86 -5.77 -25.31
C PRO A 395 -11.09 -5.05 -24.19
N MET A 396 -11.37 -3.76 -24.00
CA MET A 396 -10.65 -2.89 -23.02
C MET A 396 -11.19 -3.05 -21.57
N GLY A 397 -12.31 -3.74 -21.36
CA GLY A 397 -12.87 -4.02 -20.02
C GLY A 397 -13.50 -2.77 -19.40
N ALA A 398 -13.50 -2.68 -18.07
CA ALA A 398 -14.08 -1.57 -17.26
C ALA A 398 -13.42 -0.23 -17.67
N SER A 399 -14.21 0.86 -17.66
CA SER A 399 -13.82 2.19 -18.21
C SER A 399 -13.24 2.00 -19.62
N GLY A 400 -13.92 1.21 -20.46
CA GLY A 400 -13.43 0.79 -21.79
C GLY A 400 -13.73 1.83 -22.86
N ALA A 401 -14.63 2.75 -22.57
CA ALA A 401 -14.89 3.94 -23.43
C ALA A 401 -13.70 4.90 -23.36
N THR A 402 -13.12 5.06 -22.16
CA THR A 402 -12.00 6.00 -21.89
C THR A 402 -10.76 5.51 -22.63
N SER A 403 -10.45 4.22 -22.50
CA SER A 403 -9.28 3.58 -23.14
C SER A 403 -9.43 3.66 -24.66
N ARG A 404 -10.61 3.32 -25.21
CA ARG A 404 -10.89 3.34 -26.68
C ARG A 404 -10.70 4.77 -27.24
N LYS A 405 -11.27 5.80 -26.60
CA LYS A 405 -11.17 7.21 -27.08
C LYS A 405 -9.73 7.73 -26.88
N ALA A 406 -9.07 7.36 -25.77
CA ALA A 406 -7.69 7.80 -25.52
C ALA A 406 -6.80 7.21 -26.63
N LEU A 407 -7.00 5.93 -26.94
CA LEU A 407 -6.18 5.24 -27.96
C LEU A 407 -6.43 5.89 -29.33
N GLU A 408 -7.71 6.09 -29.69
CA GLU A 408 -8.15 6.75 -30.95
C GLU A 408 -7.54 8.15 -31.06
N THR A 409 -7.47 8.89 -29.96
CA THR A 409 -6.90 10.28 -29.89
C THR A 409 -5.39 10.17 -30.14
N LEU A 410 -4.76 9.24 -29.42
CA LEU A 410 -3.30 9.01 -29.42
C LEU A 410 -2.88 8.59 -30.84
N ARG A 411 -3.69 7.75 -31.51
CA ARG A 411 -3.47 7.37 -32.94
C ARG A 411 -3.32 8.61 -33.81
N ARG A 412 -4.23 9.55 -33.72
CA ARG A 412 -4.18 10.82 -34.50
C ARG A 412 -3.01 11.69 -34.03
N VAL A 413 -2.88 11.95 -32.72
CA VAL A 413 -1.88 12.91 -32.19
C VAL A 413 -0.46 12.29 -32.16
N GLY A 414 -0.36 10.97 -31.94
CA GLY A 414 0.94 10.28 -31.80
C GLY A 414 1.56 10.06 -33.16
N ASP A 415 0.74 9.78 -34.16
CA ASP A 415 1.20 9.58 -35.55
C ASP A 415 1.75 10.92 -36.05
N GLY A 416 1.02 12.01 -35.76
CA GLY A 416 1.36 13.42 -36.10
C GLY A 416 2.71 13.81 -35.57
N VAL A 417 2.99 13.53 -34.31
CA VAL A 417 4.31 13.83 -33.68
C VAL A 417 5.39 13.03 -34.40
N GLN A 418 5.17 11.73 -34.61
CA GLN A 418 6.17 10.79 -35.19
C GLN A 418 6.48 11.22 -36.64
N ARG A 419 5.45 11.61 -37.39
CA ARG A 419 5.56 12.11 -38.79
C ARG A 419 6.39 13.40 -38.80
N ASN A 420 5.97 14.43 -38.06
CA ASN A 420 6.58 15.79 -38.07
C ASN A 420 7.99 15.75 -37.47
N HIS A 421 8.23 14.90 -36.47
CA HIS A 421 9.50 14.91 -35.68
C HIS A 421 10.34 13.66 -35.99
N GLU A 422 10.07 12.98 -37.12
CA GLU A 422 10.77 11.74 -37.58
C GLU A 422 12.28 11.93 -37.56
N THR A 423 12.76 13.08 -38.05
CA THR A 423 14.19 13.47 -38.05
C THR A 423 14.84 13.18 -36.71
N ALA A 424 14.39 13.85 -35.65
CA ALA A 424 15.04 13.79 -34.32
C ALA A 424 14.85 12.37 -33.74
N PHE A 425 13.78 11.66 -34.13
CA PHE A 425 13.45 10.31 -33.62
C PHE A 425 14.48 9.33 -34.19
N GLN A 426 14.63 9.29 -35.52
CA GLN A 426 15.68 8.51 -36.25
C GLN A 426 17.04 8.91 -35.67
N GLY A 427 17.28 10.22 -35.58
CA GLY A 427 18.51 10.80 -35.02
C GLY A 427 18.84 10.25 -33.63
N MET A 428 17.88 10.33 -32.71
CA MET A 428 18.08 9.92 -31.29
C MET A 428 18.11 8.39 -31.21
N LEU A 429 17.37 7.71 -32.08
CA LEU A 429 17.32 6.22 -32.11
C LEU A 429 18.67 5.66 -32.63
N ARG A 430 19.27 6.34 -33.63
CA ARG A 430 20.58 5.97 -34.22
C ARG A 430 21.68 6.26 -33.19
N LYS A 431 21.60 7.36 -32.44
CA LYS A 431 22.62 7.75 -31.42
C LYS A 431 22.70 6.67 -30.33
N LEU A 432 21.60 5.97 -30.07
CA LEU A 432 21.57 4.83 -29.10
C LEU A 432 21.77 3.54 -29.90
N ASP A 433 22.19 2.46 -29.25
CA ASP A 433 22.48 1.19 -29.97
C ASP A 433 21.52 0.14 -29.43
N ILE A 434 20.30 0.15 -29.94
CA ILE A 434 19.28 -0.86 -29.57
C ILE A 434 19.55 -2.08 -30.45
N LYS A 435 19.91 -3.21 -29.81
CA LYS A 435 20.31 -4.47 -30.49
C LYS A 435 19.85 -5.68 -29.67
N ASN A 436 19.70 -5.56 -28.34
CA ASN A 436 19.40 -6.69 -27.41
C ASN A 436 18.54 -6.22 -26.23
N GLU A 437 17.97 -7.18 -25.47
CA GLU A 437 17.20 -6.91 -24.23
C GLU A 437 17.95 -5.91 -23.35
N ASP A 438 19.24 -6.15 -23.06
CA ASP A 438 20.01 -5.35 -22.09
C ASP A 438 20.04 -3.88 -22.56
N ASP A 439 20.17 -3.63 -23.87
CA ASP A 439 20.12 -2.27 -24.50
C ASP A 439 18.76 -1.61 -24.22
N VAL A 440 17.67 -2.39 -24.27
CA VAL A 440 16.28 -1.94 -23.99
C VAL A 440 16.18 -1.40 -22.55
N LYS A 441 16.67 -2.15 -21.55
CA LYS A 441 16.66 -1.75 -20.11
C LYS A 441 17.40 -0.41 -19.96
N SER A 442 18.45 -0.18 -20.77
CA SER A 442 19.25 1.08 -20.80
C SER A 442 18.37 2.25 -21.25
N LEU A 443 17.74 2.10 -22.42
CA LEU A 443 16.83 3.10 -23.05
C LEU A 443 15.78 3.58 -22.04
N SER A 444 15.09 2.65 -21.35
CA SER A 444 14.20 2.95 -20.21
C SER A 444 14.84 3.99 -19.27
N ARG A 445 16.03 3.67 -18.72
CA ARG A 445 16.76 4.56 -17.76
C ARG A 445 16.82 5.99 -18.33
N VAL A 446 17.10 6.15 -19.62
CA VAL A 446 17.30 7.48 -20.30
C VAL A 446 15.96 8.25 -20.34
N MET A 447 14.93 7.66 -20.97
CA MET A 447 13.55 8.22 -21.10
C MET A 447 13.09 8.76 -19.75
N ILE A 448 13.15 7.90 -18.71
CA ILE A 448 12.78 8.25 -17.31
C ILE A 448 13.44 9.59 -16.97
N HIS A 449 14.76 9.68 -17.12
CA HIS A 449 15.57 10.89 -16.82
C HIS A 449 15.05 12.06 -17.67
N VAL A 450 14.96 11.90 -18.99
CA VAL A 450 14.62 13.01 -19.96
C VAL A 450 13.20 13.53 -19.69
N PHE A 451 12.20 12.64 -19.61
CA PHE A 451 10.79 12.98 -19.28
C PHE A 451 10.78 13.72 -17.93
N SER A 452 11.29 13.07 -16.87
CA SER A 452 11.26 13.58 -15.47
C SER A 452 11.81 15.02 -15.43
N ASP A 453 12.90 15.31 -16.15
CA ASP A 453 13.63 16.63 -16.13
C ASP A 453 12.98 17.61 -17.13
N GLY A 454 11.67 17.86 -17.06
CA GLY A 454 10.95 18.83 -17.92
C GLY A 454 9.52 19.04 -17.46
N VAL A 455 8.88 20.12 -17.90
CA VAL A 455 7.49 20.55 -17.51
C VAL A 455 6.46 19.43 -17.80
N THR A 456 5.33 19.49 -17.10
CA THR A 456 4.18 18.57 -17.25
C THR A 456 3.09 19.25 -18.09
N ASN A 457 2.72 18.63 -19.19
CA ASN A 457 1.61 19.00 -20.09
C ASN A 457 1.39 17.84 -21.06
N TRP A 458 0.25 17.81 -21.73
CA TRP A 458 -0.17 16.65 -22.54
C TRP A 458 0.75 16.46 -23.75
N GLY A 459 1.30 17.55 -24.30
CA GLY A 459 2.24 17.49 -25.44
C GLY A 459 3.47 16.67 -25.11
N ARG A 460 4.04 16.89 -23.94
CA ARG A 460 5.26 16.17 -23.50
C ARG A 460 4.90 14.70 -23.23
N ILE A 461 3.67 14.44 -22.75
CA ILE A 461 3.19 13.06 -22.43
C ILE A 461 3.01 12.29 -23.74
N VAL A 462 2.44 12.96 -24.75
CA VAL A 462 2.24 12.35 -26.09
C VAL A 462 3.62 12.03 -26.65
N THR A 463 4.60 12.92 -26.43
CA THR A 463 5.94 12.82 -27.07
C THR A 463 6.68 11.60 -26.50
N LEU A 464 6.66 11.41 -25.18
CA LEU A 464 7.23 10.21 -24.51
C LEU A 464 6.61 8.95 -25.14
N ILE A 465 5.28 8.86 -25.19
CA ILE A 465 4.52 7.67 -25.71
C ILE A 465 4.79 7.52 -27.21
N SER A 466 4.93 8.63 -27.95
CA SER A 466 5.19 8.61 -29.42
C SER A 466 6.62 8.12 -29.70
N PHE A 467 7.61 8.51 -28.90
CA PHE A 467 8.98 8.00 -29.06
C PHE A 467 8.98 6.49 -28.78
N GLY A 468 8.28 6.07 -27.73
CA GLY A 468 8.07 4.65 -27.41
C GLY A 468 7.53 3.90 -28.60
N ALA A 469 6.53 4.46 -29.27
CA ALA A 469 5.89 3.85 -30.44
C ALA A 469 6.98 3.69 -31.50
N PHE A 470 7.77 4.74 -31.68
CA PHE A 470 8.86 4.82 -32.67
C PHE A 470 9.86 3.71 -32.39
N VAL A 471 10.24 3.60 -31.12
CA VAL A 471 11.21 2.57 -30.69
C VAL A 471 10.58 1.19 -30.89
N ALA A 472 9.30 1.03 -30.56
CA ALA A 472 8.59 -0.26 -30.71
C ALA A 472 8.60 -0.68 -32.17
N LYS A 473 8.39 0.24 -33.10
CA LYS A 473 8.50 -0.01 -34.56
C LYS A 473 9.86 -0.67 -34.86
N HIS A 474 10.94 -0.05 -34.38
CA HIS A 474 12.33 -0.53 -34.55
C HIS A 474 12.51 -1.88 -33.84
N LEU A 475 12.06 -2.03 -32.60
CA LEU A 475 12.30 -3.29 -31.86
C LEU A 475 11.70 -4.44 -32.66
N LYS A 476 10.55 -4.24 -33.28
CA LYS A 476 9.86 -5.27 -34.09
C LYS A 476 10.79 -5.68 -35.22
N THR A 477 11.28 -4.68 -35.95
CA THR A 477 12.21 -4.71 -37.12
C THR A 477 13.45 -5.57 -36.85
N ILE A 478 14.02 -5.55 -35.64
CA ILE A 478 15.24 -6.33 -35.29
C ILE A 478 14.84 -7.63 -34.57
N ASN A 479 13.65 -8.17 -34.83
CA ASN A 479 13.12 -9.34 -34.10
C ASN A 479 13.38 -9.16 -32.59
N GLN A 480 12.74 -8.16 -31.97
CA GLN A 480 12.84 -7.92 -30.51
C GLN A 480 11.47 -7.54 -29.96
N GLU A 481 10.39 -8.13 -30.48
CA GLU A 481 8.97 -7.86 -30.08
C GLU A 481 8.82 -8.09 -28.56
N SER A 482 9.48 -9.12 -28.01
CA SER A 482 9.39 -9.54 -26.60
C SER A 482 9.68 -8.36 -25.66
N CYS A 483 10.49 -7.39 -26.11
CA CYS A 483 10.95 -6.22 -25.31
C CYS A 483 9.97 -5.04 -25.42
N ILE A 484 8.83 -5.20 -26.08
CA ILE A 484 7.90 -4.04 -26.34
C ILE A 484 7.02 -3.84 -25.11
N GLU A 485 6.54 -4.91 -24.48
CA GLU A 485 5.69 -4.83 -23.27
C GLU A 485 6.51 -4.25 -22.10
N PRO A 486 7.77 -4.67 -21.88
CA PRO A 486 8.66 -4.03 -20.90
C PRO A 486 8.87 -2.54 -21.14
N LEU A 487 8.94 -2.14 -22.41
CA LEU A 487 9.13 -0.71 -22.82
C LEU A 487 7.86 0.08 -22.47
N ALA A 488 6.70 -0.54 -22.65
CA ALA A 488 5.37 0.05 -22.36
C ALA A 488 5.23 0.26 -20.84
N GLU A 489 5.51 -0.78 -20.06
CA GLU A 489 5.59 -0.73 -18.57
C GLU A 489 6.56 0.38 -18.14
N SER A 490 7.73 0.53 -18.75
CA SER A 490 8.69 1.59 -18.33
C SER A 490 8.04 2.96 -18.55
N ILE A 491 7.47 3.20 -19.75
CA ILE A 491 6.85 4.51 -20.09
C ILE A 491 5.66 4.74 -19.16
N THR A 492 4.81 3.73 -18.98
CA THR A 492 3.65 3.78 -18.07
C THR A 492 4.19 4.13 -16.69
N ASP A 493 5.23 3.44 -16.24
CA ASP A 493 5.71 3.54 -14.83
C ASP A 493 6.11 5.00 -14.55
N VAL A 494 7.01 5.57 -15.34
CA VAL A 494 7.51 6.95 -15.12
C VAL A 494 6.34 7.94 -15.22
N LEU A 495 5.42 7.75 -16.18
CA LEU A 495 4.28 8.67 -16.39
C LEU A 495 3.46 8.76 -15.09
N VAL A 496 3.06 7.63 -14.50
CA VAL A 496 2.11 7.65 -13.35
C VAL A 496 2.87 7.78 -12.02
N ARG A 497 4.17 7.48 -11.95
CA ARG A 497 4.99 7.71 -10.72
C ARG A 497 5.21 9.22 -10.55
N THR A 498 5.59 9.91 -11.63
CA THR A 498 6.09 11.31 -11.57
C THR A 498 4.96 12.33 -11.77
N LYS A 499 3.84 11.97 -12.39
CA LYS A 499 2.78 12.94 -12.78
C LYS A 499 1.40 12.50 -12.26
N ARG A 500 1.37 11.59 -11.29
CA ARG A 500 0.13 11.10 -10.62
C ARG A 500 -0.85 12.24 -10.30
N ASP A 501 -0.40 13.28 -9.60
CA ASP A 501 -1.27 14.34 -9.02
C ASP A 501 -1.87 15.17 -10.14
N TRP A 502 -1.03 15.48 -11.14
CA TRP A 502 -1.43 16.24 -12.35
C TRP A 502 -2.44 15.41 -13.15
N LEU A 503 -2.23 14.09 -13.26
CA LEU A 503 -3.11 13.25 -14.10
C LEU A 503 -4.48 13.20 -13.43
N VAL A 504 -4.53 13.09 -12.11
CA VAL A 504 -5.83 13.04 -11.39
C VAL A 504 -6.50 14.41 -11.54
N LYS A 505 -5.73 15.48 -11.51
CA LYS A 505 -6.25 16.86 -11.64
C LYS A 505 -6.93 17.02 -13.00
N GLN A 506 -6.37 16.44 -14.06
CA GLN A 506 -6.88 16.57 -15.47
C GLN A 506 -8.00 15.57 -15.76
N ARG A 507 -8.54 14.88 -14.74
CA ARG A 507 -9.50 13.75 -14.85
C ARG A 507 -8.88 12.58 -15.66
N GLY A 508 -7.57 12.36 -15.50
CA GLY A 508 -6.80 11.29 -16.16
C GLY A 508 -6.97 11.30 -17.67
N TRP A 509 -7.29 10.15 -18.24
CA TRP A 509 -7.33 9.99 -19.70
C TRP A 509 -8.57 10.69 -20.27
N ASP A 510 -9.62 10.99 -19.49
CA ASP A 510 -10.79 11.74 -20.05
C ASP A 510 -10.33 13.16 -20.40
N GLY A 511 -9.44 13.72 -19.59
CA GLY A 511 -8.86 15.06 -19.82
C GLY A 511 -8.00 15.08 -21.06
N PHE A 512 -7.33 13.97 -21.34
CA PHE A 512 -6.46 13.78 -22.52
C PHE A 512 -7.30 13.81 -23.80
N VAL A 513 -8.38 13.00 -23.79
CA VAL A 513 -9.43 12.97 -24.84
C VAL A 513 -9.99 14.39 -25.03
N GLU A 514 -10.32 15.10 -23.95
CA GLU A 514 -10.95 16.46 -24.01
C GLU A 514 -9.96 17.48 -24.58
N PHE A 515 -8.74 17.50 -24.06
CA PHE A 515 -7.70 18.49 -24.44
C PHE A 515 -7.40 18.43 -25.95
N PHE A 516 -7.33 17.24 -26.52
CA PHE A 516 -6.98 17.06 -27.96
C PHE A 516 -8.25 16.84 -28.77
N HIS A 517 -9.43 16.92 -28.14
CA HIS A 517 -10.73 16.74 -28.84
C HIS A 517 -10.78 17.77 -29.96
N VAL A 518 -11.14 17.34 -31.18
CA VAL A 518 -11.20 18.20 -32.40
C VAL A 518 -11.91 19.51 -32.06
C1 GLC B . 0.06 0.16 11.53
C2 GLC B . -0.05 -1.07 10.65
C3 GLC B . 0.07 -0.81 9.15
C4 GLC B . -0.77 0.38 8.76
C5 GLC B . -0.48 1.60 9.61
C6 GLC B . -1.48 2.71 9.30
O1 GLC B . 1.43 0.57 11.60
O2 GLC B . 1.02 -1.94 11.00
O3 GLC B . -0.29 -1.96 8.40
O4 GLC B . -0.47 0.68 7.42
O5 GLC B . -0.72 1.24 10.98
O6 GLC B . -1.23 4.03 9.81
C1 GLC B . -1.46 0.18 6.49
C2 GLC B . -0.74 -0.38 5.29
C3 GLC B . 0.06 0.78 4.66
C4 GLC B . -0.82 1.95 4.29
C5 GLC B . -1.69 2.38 5.45
C6 GLC B . -2.81 3.31 4.99
O2 GLC B . 0.12 -1.40 5.78
O3 GLC B . 0.72 0.33 3.49
O4 GLC B . -0.01 3.04 3.85
O5 GLC B . -2.31 1.24 6.04
O6 GLC B . -3.13 4.20 6.07
CL CL C . -17.73 18.67 6.92
C1 OJW D . 6.36 19.41 -25.79
N1 OJW D . 5.90 18.90 -27.07
N2 OJW D . 4.63 19.18 -27.50
C2 OJW D . 4.53 18.58 -28.68
C3 OJW D . 5.68 17.94 -29.00
C4 OJW D . 6.56 18.14 -27.97
C5 OJW D . 7.94 17.64 -27.80
O1 OJW D . 8.64 17.60 -29.03
C6 OJW D . 9.82 16.90 -29.18
C7 OJW D . 10.86 17.03 -28.25
C8 OJW D . 10.75 17.81 -26.95
C9 OJW D . 10.29 16.90 -25.82
O2 OJW D . 10.97 15.61 -25.85
C10 OJW D . 10.50 14.66 -25.00
N3 OJW D . 9.38 14.88 -24.33
C11 OJW D . 8.97 13.94 -23.48
N4 OJW D . 9.58 12.78 -23.26
C12 OJW D . 10.71 12.55 -23.94
C13 OJW D . 11.21 13.48 -24.83
C14 OJW D . 12.45 12.97 -25.42
C15 OJW D . 12.79 11.72 -24.92
S1 OJW D . 11.66 11.12 -23.74
C16 OJW D . 13.96 10.91 -25.15
C17 OJW D . 15.15 11.17 -25.67
C18 OJW D . 15.88 9.96 -25.59
C19 OJW D . 15.08 9.06 -25.01
F1 OJW D . 15.32 7.76 -24.74
O3 OJW D . 13.88 9.62 -24.73
C20 OJW D . 13.29 13.66 -26.41
C21 OJW D . 13.41 13.15 -27.69
C22 OJW D . 12.58 11.96 -28.12
C23 OJW D . 14.28 13.78 -28.59
CL1 OJW D . 14.37 13.15 -30.21
C24 OJW D . 15.04 14.88 -28.23
O4 OJW D . 15.86 15.44 -29.18
C25 OJW D . 16.81 16.41 -28.76
C26 OJW D . 17.74 16.70 -29.90
N5 OJW D . 18.71 15.64 -30.19
C27 OJW D . 19.86 16.18 -30.94
C28 OJW D . 20.83 15.07 -31.33
N6 OJW D . 20.16 14.05 -32.11
C29 OJW D . 21.10 13.00 -32.53
C30 OJW D . 19.06 13.50 -31.33
C31 OJW D . 18.07 14.58 -30.97
C32 OJW D . 14.94 15.34 -26.92
C33 OJW D . 14.09 14.73 -26.02
C34 OJW D . 10.56 17.60 -24.50
O5 OJW D . 10.01 18.71 -24.33
O6 OJW D . 11.28 17.06 -23.62
C35 OJW D . 12.04 16.35 -28.48
C36 OJW D . 12.22 15.60 -29.62
C37 OJW D . 11.21 15.52 -30.55
C38 OJW D . 10.01 16.17 -30.34
#